data_3MCF
#
_entry.id   3MCF
#
_cell.length_a   56.390
_cell.length_b   79.549
_cell.length_c   88.729
_cell.angle_alpha   90.00
_cell.angle_beta   90.00
_cell.angle_gamma   90.00
#
_symmetry.space_group_name_H-M   'P 21 21 21'
#
loop_
_entity.id
_entity.type
_entity.pdbx_description
1 polymer 'Diphosphoinositol polyphosphate phosphohydrolase 3-alpha'
2 non-polymer 'CITRATE ANION'
3 non-polymer GLYCEROL
4 water water
#
_entity_poly.entity_id   1
_entity_poly.type   'polypeptide(L)'
_entity_poly.pdbx_seq_one_letter_code
;MKKRAACLCFRSEREDEVLLVSSSRYPDRWIVPGGGMEPEEEPGGAAVREVYEEAGVKGKLGRLLGVFEQNQDPEHRTYV
YVLTVTELLEDWEDSVSIGRKREWFKVEDAIKVLQCHKPVHAEYLEKLKAHHHHHH
;
_entity_poly.pdbx_strand_id   A,B
#
loop_
_chem_comp.id
_chem_comp.type
_chem_comp.name
_chem_comp.formula
FLC non-polymer 'CITRATE ANION' 'C6 H5 O7 -3'
GOL non-polymer GLYCEROL 'C3 H8 O3'
#
# COMPACT_ATOMS: atom_id res chain seq x y z
N MET A 1 19.71 18.46 9.11
CA MET A 1 18.97 17.22 9.26
C MET A 1 17.57 17.31 8.64
N LYS A 2 17.15 16.25 7.98
CA LYS A 2 15.76 16.14 7.52
C LYS A 2 14.91 15.61 8.67
N LYS A 3 13.93 16.40 9.10
CA LYS A 3 13.15 16.06 10.28
C LYS A 3 11.87 15.30 9.96
N ARG A 4 11.57 14.32 10.80
CA ARG A 4 10.36 13.51 10.64
C ARG A 4 9.66 13.34 11.98
N ALA A 5 8.35 13.10 11.93
CA ALA A 5 7.60 12.73 13.12
C ALA A 5 7.07 11.32 12.92
N ALA A 6 6.84 10.61 14.02
CA ALA A 6 6.15 9.33 13.98
C ALA A 6 5.30 9.25 15.23
N CYS A 7 4.29 8.40 15.20
CA CYS A 7 3.34 8.38 16.29
C CYS A 7 2.84 6.99 16.62
N LEU A 8 3.05 6.58 17.88
CA LEU A 8 2.50 5.34 18.37
C LEU A 8 1.09 5.62 18.86
N CYS A 9 0.11 5.13 18.12
CA CYS A 9 -1.31 5.35 18.43
C CYS A 9 -1.86 4.17 19.20
N PHE A 10 -2.33 4.41 20.43
CA PHE A 10 -2.81 3.33 21.28
C PHE A 10 -4.33 3.28 21.40
N ARG A 11 -4.85 2.07 21.57
CA ARG A 11 -6.28 1.91 21.69
C ARG A 11 -6.78 2.40 23.05
N SER A 12 -5.91 2.41 24.05
CA SER A 12 -6.27 2.90 25.37
C SER A 12 -5.04 3.32 26.16
N GLU A 13 -5.25 3.72 27.41
CA GLU A 13 -4.15 4.10 28.30
C GLU A 13 -3.30 2.92 28.74
N ARG A 14 -3.76 1.69 28.47
CA ARG A 14 -2.96 0.50 28.78
C ARG A 14 -1.71 0.47 27.93
N GLU A 15 -1.76 1.12 26.77
CA GLU A 15 -0.66 1.08 25.80
C GLU A 15 -0.21 -0.34 25.43
N ASP A 16 -1.17 -1.26 25.30
CA ASP A 16 -0.93 -2.66 24.97
CA ASP A 16 -0.79 -2.61 24.92
C ASP A 16 -1.16 -2.95 23.48
N GLU A 17 -1.94 -2.08 22.84
CA GLU A 17 -2.28 -2.26 21.43
C GLU A 17 -1.98 -1.01 20.61
N VAL A 18 -1.20 -1.17 19.55
CA VAL A 18 -0.75 -0.04 18.75
C VAL A 18 -1.23 -0.19 17.31
N LEU A 19 -1.56 0.94 16.67
CA LEU A 19 -2.09 0.94 15.31
C LEU A 19 -0.95 1.09 14.31
N LEU A 20 -0.78 0.10 13.45
CA LEU A 20 0.19 0.20 12.36
C LEU A 20 -0.56 0.48 11.07
N VAL A 21 0.15 0.99 10.06
CA VAL A 21 -0.44 1.21 8.75
C VAL A 21 0.42 0.53 7.70
N SER A 22 -0.13 0.29 6.52
CA SER A 22 0.65 -0.32 5.46
C SER A 22 1.59 0.70 4.84
N SER A 23 2.73 0.21 4.37
CA SER A 23 3.72 1.02 3.68
C SER A 23 3.18 1.40 2.30
N SER A 24 3.51 2.62 1.85
CA SER A 24 3.04 3.07 0.55
C SER A 24 3.86 2.43 -0.55
N ARG A 25 5.14 2.16 -0.24
CA ARG A 25 6.04 1.52 -1.20
C ARG A 25 5.92 0.00 -1.20
N TYR A 26 5.67 -0.58 -0.02
CA TYR A 26 5.53 -2.02 0.12
C TYR A 26 4.18 -2.33 0.76
N PRO A 27 3.14 -2.41 -0.09
CA PRO A 27 1.74 -2.38 0.37
C PRO A 27 1.31 -3.56 1.24
N ASP A 28 2.13 -4.59 1.38
CA ASP A 28 1.78 -5.70 2.25
C ASP A 28 2.61 -5.69 3.54
N ARG A 29 3.43 -4.65 3.72
CA ARG A 29 4.24 -4.49 4.92
C ARG A 29 3.64 -3.46 5.86
N TRP A 30 3.97 -3.57 7.14
CA TRP A 30 3.45 -2.67 8.17
C TRP A 30 4.52 -1.70 8.65
N ILE A 31 4.10 -0.48 8.99
CA ILE A 31 5.00 0.53 9.53
C ILE A 31 4.27 1.35 10.61
N VAL A 32 5.05 2.08 11.39
CA VAL A 32 4.46 3.05 12.31
C VAL A 32 4.15 4.31 11.51
N PRO A 33 2.92 4.85 11.66
CA PRO A 33 2.60 6.03 10.84
C PRO A 33 3.46 7.23 11.24
N GLY A 34 3.71 8.10 10.27
CA GLY A 34 4.55 9.28 10.49
C GLY A 34 4.84 9.88 9.15
N GLY A 35 5.75 10.84 9.10
CA GLY A 35 6.05 11.49 7.83
C GLY A 35 7.06 12.61 7.98
N GLY A 36 7.35 13.30 6.88
CA GLY A 36 8.27 14.41 6.90
C GLY A 36 7.62 15.66 7.45
N MET A 37 8.41 16.45 8.17
CA MET A 37 7.91 17.70 8.74
C MET A 37 8.21 18.88 7.84
N GLU A 38 7.26 19.79 7.74
CA GLU A 38 7.42 21.03 7.01
C GLU A 38 8.46 21.91 7.70
N PRO A 39 8.85 23.01 7.05
CA PRO A 39 9.83 23.93 7.66
C PRO A 39 9.32 24.50 8.98
N GLU A 40 10.14 24.40 10.02
CA GLU A 40 9.80 24.99 11.32
C GLU A 40 8.51 24.46 11.91
N GLU A 41 8.03 23.32 11.41
CA GLU A 41 6.83 22.70 11.95
C GLU A 41 7.12 22.11 13.33
N GLU A 42 6.18 22.24 14.26
CA GLU A 42 6.28 21.54 15.53
C GLU A 42 6.03 20.06 15.27
N PRO A 43 6.90 19.19 15.80
CA PRO A 43 6.81 17.74 15.55
C PRO A 43 5.49 17.18 16.05
N GLY A 44 4.99 17.75 17.13
CA GLY A 44 3.72 17.31 17.70
C GLY A 44 2.55 17.53 16.76
N GLY A 45 2.46 18.74 16.20
CA GLY A 45 1.44 19.03 15.22
C GLY A 45 1.55 18.12 14.01
N ALA A 46 2.78 17.85 13.59
CA ALA A 46 3.01 16.99 12.43
C ALA A 46 2.53 15.56 12.71
N ALA A 47 2.80 15.05 13.91
CA ALA A 47 2.37 13.71 14.29
C ALA A 47 0.86 13.59 14.19
N VAL A 48 0.16 14.58 14.73
CA VAL A 48 -1.30 14.59 14.73
C VAL A 48 -1.86 14.59 13.31
N ARG A 49 -1.28 15.43 12.45
CA ARG A 49 -1.68 15.52 11.06
C ARG A 49 -1.46 14.20 10.34
N GLU A 50 -0.28 13.62 10.54
CA GLU A 50 0.10 12.39 9.85
C GLU A 50 -0.81 11.22 10.17
N VAL A 51 -1.15 11.01 11.44
CA VAL A 51 -2.00 9.88 11.79
C VAL A 51 -3.42 10.10 11.28
N TYR A 52 -3.81 11.36 11.19
CA TYR A 52 -5.10 11.70 10.61
C TYR A 52 -5.12 11.32 9.13
N GLU A 53 -4.07 11.70 8.40
CA GLU A 53 -4.00 11.44 6.96
C GLU A 53 -3.76 9.97 6.62
N GLU A 54 -2.81 9.36 7.33
CA GLU A 54 -2.40 7.99 7.03
C GLU A 54 -3.33 6.92 7.62
N ALA A 55 -3.87 7.18 8.80
CA ALA A 55 -4.61 6.15 9.51
C ALA A 55 -6.05 6.52 9.82
N GLY A 56 -6.44 7.75 9.48
CA GLY A 56 -7.80 8.20 9.79
C GLY A 56 -8.02 8.30 11.29
N VAL A 57 -6.98 8.70 12.00
CA VAL A 57 -6.98 8.73 13.45
C VAL A 57 -7.20 10.13 14.01
N LYS A 58 -8.12 10.24 14.96
CA LYS A 58 -8.22 11.41 15.83
C LYS A 58 -7.96 10.94 17.25
N GLY A 59 -7.28 11.75 18.05
CA GLY A 59 -7.05 11.36 19.42
C GLY A 59 -6.34 12.42 20.24
N LYS A 60 -5.87 12.01 21.41
CA LYS A 60 -5.24 12.91 22.35
C LYS A 60 -3.73 12.69 22.34
N LEU A 61 -2.99 13.68 21.83
CA LEU A 61 -1.54 13.55 21.75
C LEU A 61 -0.93 13.47 23.14
N GLY A 62 -0.03 12.51 23.34
CA GLY A 62 0.62 12.33 24.61
C GLY A 62 2.08 12.74 24.57
N ARG A 63 2.89 12.05 25.36
CA ARG A 63 4.29 12.42 25.55
C ARG A 63 5.16 12.17 24.33
N LEU A 64 6.25 12.92 24.26
CA LEU A 64 7.34 12.65 23.34
C LEU A 64 8.08 11.45 23.90
N LEU A 65 8.02 10.32 23.20
CA LEU A 65 8.72 9.13 23.65
C LEU A 65 10.22 9.32 23.53
N GLY A 66 10.65 9.96 22.45
CA GLY A 66 12.07 10.21 22.26
C GLY A 66 12.38 10.72 20.87
N VAL A 67 13.62 11.16 20.68
CA VAL A 67 14.09 11.60 19.36
C VAL A 67 15.13 10.61 18.87
N PHE A 68 14.85 9.99 17.72
CA PHE A 68 15.70 8.91 17.22
C PHE A 68 16.51 9.35 16.01
N GLU A 69 17.77 8.97 15.98
CA GLU A 69 18.66 9.29 14.86
C GLU A 69 19.71 8.21 14.65
N HIS A 76 15.90 10.70 8.92
CA HIS A 76 17.16 11.25 9.42
C HIS A 76 17.13 11.63 10.91
N ARG A 77 16.12 12.40 11.32
CA ARG A 77 15.89 12.66 12.74
C ARG A 77 14.40 12.62 13.02
N THR A 78 13.97 11.68 13.86
CA THR A 78 12.55 11.43 14.04
C THR A 78 12.05 11.65 15.47
N TYR A 79 11.06 12.53 15.61
CA TYR A 79 10.40 12.77 16.88
C TYR A 79 9.21 11.82 17.04
N VAL A 80 9.30 10.91 18.01
CA VAL A 80 8.27 9.90 18.15
C VAL A 80 7.39 10.21 19.34
N TYR A 81 6.11 10.47 19.06
CA TYR A 81 5.11 10.74 20.09
C TYR A 81 4.22 9.53 20.34
N VAL A 82 3.54 9.54 21.48
CA VAL A 82 2.44 8.59 21.68
C VAL A 82 1.12 9.36 21.60
N LEU A 83 0.04 8.65 21.31
CA LEU A 83 -1.27 9.26 21.17
C LEU A 83 -2.35 8.24 21.54
N THR A 84 -3.37 8.69 22.25
CA THR A 84 -4.49 7.81 22.61
C THR A 84 -5.61 8.05 21.61
N VAL A 85 -5.97 7.01 20.86
CA VAL A 85 -7.00 7.14 19.83
C VAL A 85 -8.37 7.35 20.46
N THR A 86 -9.09 8.37 20.00
CA THR A 86 -10.47 8.59 20.44
C THR A 86 -11.47 8.32 19.32
N GLU A 87 -11.02 8.37 18.07
CA GLU A 87 -11.90 8.09 16.94
C GLU A 87 -11.13 7.55 15.73
N LEU A 88 -11.69 6.54 15.08
CA LEU A 88 -11.18 6.04 13.81
C LEU A 88 -12.19 6.33 12.71
N LEU A 89 -11.79 7.16 11.75
CA LEU A 89 -12.65 7.50 10.62
C LEU A 89 -12.82 6.29 9.70
N GLU A 90 -14.00 6.15 9.10
CA GLU A 90 -14.28 4.98 8.26
C GLU A 90 -13.57 5.06 6.92
N ASP A 91 -13.57 6.26 6.33
CA ASP A 91 -12.81 6.50 5.12
C ASP A 91 -11.89 7.64 5.44
N TRP A 92 -10.64 7.52 5.02
CA TRP A 92 -9.69 8.59 5.30
C TRP A 92 -8.80 8.83 4.11
N GLU A 93 -8.04 9.92 4.16
CA GLU A 93 -7.32 10.40 2.99
C GLU A 93 -6.54 9.28 2.30
N ASP A 94 -5.67 8.60 3.03
CA ASP A 94 -4.79 7.61 2.42
C ASP A 94 -5.49 6.30 2.06
N SER A 95 -6.58 5.99 2.74
CA SER A 95 -7.37 4.81 2.38
CA SER A 95 -7.37 4.81 2.38
C SER A 95 -7.98 5.04 1.01
N VAL A 96 -8.50 6.25 0.80
CA VAL A 96 -9.10 6.65 -0.45
C VAL A 96 -8.06 6.80 -1.56
N SER A 97 -6.95 7.46 -1.26
CA SER A 97 -5.97 7.78 -2.28
C SER A 97 -5.11 6.59 -2.71
N ILE A 98 -4.65 5.78 -1.76
CA ILE A 98 -3.71 4.71 -2.12
C ILE A 98 -4.04 3.36 -1.52
N GLY A 99 -5.23 3.25 -0.92
CA GLY A 99 -5.63 2.01 -0.30
C GLY A 99 -4.77 1.62 0.89
N ARG A 100 -4.28 2.61 1.62
CA ARG A 100 -3.47 2.33 2.79
C ARG A 100 -4.35 1.68 3.86
N LYS A 101 -3.84 0.63 4.48
CA LYS A 101 -4.57 -0.09 5.52
C LYS A 101 -4.06 0.27 6.91
N ARG A 102 -4.90 0.04 7.92
CA ARG A 102 -4.50 0.21 9.31
C ARG A 102 -4.94 -1.04 10.08
N GLU A 103 -4.23 -1.36 11.15
CA GLU A 103 -4.55 -2.55 11.93
C GLU A 103 -3.98 -2.46 13.33
N TRP A 104 -4.75 -2.93 14.30
CA TRP A 104 -4.31 -2.99 15.69
C TRP A 104 -3.41 -4.19 15.89
N PHE A 105 -2.26 -3.96 16.52
CA PHE A 105 -1.35 -5.04 16.93
C PHE A 105 -1.04 -4.92 18.40
N LYS A 106 -1.01 -6.05 19.11
CA LYS A 106 -0.38 -6.08 20.42
C LYS A 106 1.07 -5.62 20.22
N VAL A 107 1.58 -4.88 21.19
CA VAL A 107 2.94 -4.33 21.06
C VAL A 107 3.99 -5.36 20.60
N GLU A 108 3.97 -6.54 21.19
CA GLU A 108 4.96 -7.58 20.86
C GLU A 108 4.78 -8.11 19.44
N ASP A 109 3.53 -8.24 19.01
CA ASP A 109 3.25 -8.63 17.64
C ASP A 109 3.74 -7.54 16.69
N ALA A 110 3.48 -6.29 17.05
CA ALA A 110 3.93 -5.16 16.25
C ALA A 110 5.43 -5.25 16.06
N ILE A 111 6.14 -5.50 17.14
CA ILE A 111 7.60 -5.58 17.07
C ILE A 111 7.98 -6.67 16.08
N LYS A 112 7.28 -7.80 16.14
CA LYS A 112 7.57 -8.92 15.25
C LYS A 112 7.42 -8.58 13.77
N VAL A 113 6.33 -7.93 13.39
CA VAL A 113 6.13 -7.59 11.97
C VAL A 113 7.01 -6.43 11.49
N LEU A 114 7.51 -5.63 12.43
CA LEU A 114 8.39 -4.53 12.06
C LEU A 114 9.86 -4.93 11.99
N GLN A 115 10.24 -5.94 12.77
CA GLN A 115 11.66 -6.30 12.88
C GLN A 115 12.35 -6.52 11.53
N CYS A 116 11.74 -7.31 10.65
CA CYS A 116 12.39 -7.69 9.40
C CYS A 116 12.79 -6.51 8.50
N HIS A 117 11.84 -5.66 8.16
CA HIS A 117 12.09 -4.60 7.17
C HIS A 117 12.08 -3.18 7.73
N LYS A 118 11.51 -2.99 8.91
CA LYS A 118 11.50 -1.68 9.54
C LYS A 118 12.08 -1.73 10.96
N PRO A 119 13.32 -2.24 11.10
CA PRO A 119 13.91 -2.45 12.42
C PRO A 119 13.94 -1.18 13.25
N VAL A 120 14.06 -0.02 12.61
CA VAL A 120 14.07 1.24 13.34
C VAL A 120 12.72 1.50 14.00
N HIS A 121 11.64 1.16 13.31
CA HIS A 121 10.31 1.31 13.90
C HIS A 121 10.13 0.35 15.08
N ALA A 122 10.65 -0.87 14.95
CA ALA A 122 10.62 -1.84 16.05
C ALA A 122 11.34 -1.26 17.26
N GLU A 123 12.41 -0.52 16.99
CA GLU A 123 13.19 0.14 18.02
C GLU A 123 12.35 1.13 18.83
N TYR A 124 11.39 1.80 18.19
CA TYR A 124 10.51 2.71 18.92
C TYR A 124 9.74 1.95 19.99
N LEU A 125 9.24 0.77 19.63
CA LEU A 125 8.42 -0.02 20.54
C LEU A 125 9.26 -0.71 21.61
N GLU A 126 10.50 -1.07 21.27
CA GLU A 126 11.43 -1.57 22.27
C GLU A 126 11.68 -0.48 23.34
N LYS A 127 11.85 0.77 22.90
CA LYS A 127 12.03 1.84 23.87
C LYS A 127 10.76 2.07 24.69
N LEU A 128 9.61 1.95 24.03
CA LEU A 128 8.35 2.06 24.75
C LEU A 128 8.30 1.02 25.86
N LYS A 129 8.71 -0.20 25.54
CA LYS A 129 8.66 -1.30 26.51
C LYS A 129 9.59 -1.05 27.68
N ALA A 130 10.79 -0.56 27.37
CA ALA A 130 11.77 -0.26 28.42
C ALA A 130 11.23 0.82 29.33
N HIS A 131 10.60 1.84 28.76
CA HIS A 131 10.03 2.92 29.55
C HIS A 131 8.80 2.44 30.37
N HIS A 132 8.00 1.57 29.78
CA HIS A 132 6.87 0.99 30.51
C HIS A 132 7.35 0.32 31.78
N HIS A 133 8.42 -0.45 31.66
CA HIS A 133 8.94 -1.23 32.77
C HIS A 133 9.22 -0.33 33.97
N HIS A 134 9.61 0.92 33.70
CA HIS A 134 9.87 1.88 34.77
C HIS A 134 8.73 2.89 34.97
N HIS A 135 7.55 2.57 34.43
CA HIS A 135 6.35 3.39 34.60
C HIS A 135 6.54 4.84 34.19
N HIS A 136 7.21 5.06 33.05
CA HIS A 136 7.36 6.41 32.52
C HIS A 136 7.61 6.38 31.00
N MET B 1 -0.28 -14.52 -35.25
CA MET B 1 -1.30 -13.68 -34.63
C MET B 1 -0.67 -12.65 -33.70
N LYS B 2 -1.34 -11.51 -33.54
CA LYS B 2 -0.90 -10.51 -32.58
C LYS B 2 -1.07 -11.07 -31.18
N LYS B 3 -0.06 -10.86 -30.34
CA LYS B 3 -0.07 -11.44 -29.00
C LYS B 3 -0.03 -10.36 -27.93
N ARG B 4 -0.88 -10.50 -26.92
CA ARG B 4 -0.90 -9.57 -25.80
C ARG B 4 -0.66 -10.29 -24.49
N ALA B 5 -0.21 -9.55 -23.49
CA ALA B 5 -0.10 -10.06 -22.13
C ALA B 5 -0.95 -9.18 -21.21
N ALA B 6 -1.48 -9.76 -20.14
CA ALA B 6 -2.14 -8.98 -19.10
C ALA B 6 -1.73 -9.59 -17.78
N CYS B 7 -1.88 -8.85 -16.70
CA CYS B 7 -1.36 -9.33 -15.43
C CYS B 7 -2.23 -8.91 -14.26
N LEU B 8 -2.68 -9.88 -13.49
CA LEU B 8 -3.42 -9.63 -12.26
C LEU B 8 -2.39 -9.47 -11.16
N CYS B 9 -2.23 -8.24 -10.68
CA CYS B 9 -1.24 -7.92 -9.65
C CYS B 9 -1.90 -7.93 -8.29
N PHE B 10 -1.49 -8.86 -7.43
CA PHE B 10 -2.12 -9.04 -6.14
C PHE B 10 -1.29 -8.47 -5.01
N ARG B 11 -1.98 -7.99 -3.98
CA ARG B 11 -1.32 -7.33 -2.85
C ARG B 11 -0.56 -8.33 -1.99
N SER B 12 -0.96 -9.60 -2.05
CA SER B 12 -0.31 -10.65 -1.29
C SER B 12 -0.60 -12.01 -1.91
N GLU B 13 0.04 -13.05 -1.38
CA GLU B 13 -0.15 -14.41 -1.87
C GLU B 13 -1.58 -14.89 -1.66
N ARG B 14 -2.37 -14.14 -0.90
CA ARG B 14 -3.77 -14.49 -0.68
C ARG B 14 -4.65 -14.25 -1.90
N GLU B 15 -4.18 -13.42 -2.83
CA GLU B 15 -4.95 -13.12 -4.04
C GLU B 15 -6.35 -12.62 -3.70
N ASP B 16 -6.44 -11.82 -2.63
CA ASP B 16 -7.68 -11.19 -2.20
C ASP B 16 -7.92 -9.85 -2.84
N GLU B 17 -6.83 -9.17 -3.20
CA GLU B 17 -6.92 -7.78 -3.58
C GLU B 17 -6.05 -7.56 -4.80
N VAL B 18 -6.61 -6.95 -5.84
CA VAL B 18 -5.95 -6.85 -7.13
C VAL B 18 -5.81 -5.38 -7.53
N LEU B 19 -4.74 -5.06 -8.25
CA LEU B 19 -4.47 -3.69 -8.65
C LEU B 19 -4.96 -3.44 -10.07
N LEU B 20 -5.91 -2.53 -10.22
CA LEU B 20 -6.38 -2.12 -11.54
C LEU B 20 -5.81 -0.74 -11.90
N VAL B 21 -5.81 -0.42 -13.19
CA VAL B 21 -5.37 0.91 -13.60
C VAL B 21 -6.46 1.55 -14.43
N SER B 22 -6.41 2.88 -14.55
CA SER B 22 -7.42 3.60 -15.31
C SER B 22 -7.20 3.47 -16.81
N SER B 23 -8.30 3.52 -17.56
CA SER B 23 -8.22 3.51 -19.02
C SER B 23 -7.63 4.83 -19.49
N SER B 24 -6.82 4.80 -20.54
CA SER B 24 -6.27 6.04 -21.09
C SER B 24 -7.30 6.75 -21.95
N ARG B 25 -8.28 6.01 -22.46
CA ARG B 25 -9.33 6.58 -23.30
CA ARG B 25 -9.32 6.60 -23.30
C ARG B 25 -10.43 7.21 -22.45
N TYR B 26 -10.89 6.47 -21.45
CA TYR B 26 -11.97 6.89 -20.57
C TYR B 26 -11.49 6.81 -19.13
N PRO B 27 -10.99 7.92 -18.59
CA PRO B 27 -10.27 7.93 -17.31
C PRO B 27 -11.09 7.40 -16.13
N ASP B 28 -12.42 7.36 -16.23
CA ASP B 28 -13.23 6.87 -15.13
C ASP B 28 -13.38 5.34 -15.15
N ARG B 29 -12.93 4.72 -16.24
CA ARG B 29 -13.04 3.27 -16.35
C ARG B 29 -11.78 2.60 -15.81
N TRP B 30 -11.94 1.39 -15.27
CA TRP B 30 -10.82 0.62 -14.75
C TRP B 30 -10.55 -0.58 -15.66
N ILE B 31 -9.27 -0.97 -15.77
CA ILE B 31 -8.89 -2.10 -16.62
C ILE B 31 -7.77 -2.89 -15.95
N VAL B 32 -7.54 -4.11 -16.44
CA VAL B 32 -6.40 -4.88 -16.00
C VAL B 32 -5.22 -4.41 -16.84
N PRO B 33 -4.07 -4.12 -16.20
CA PRO B 33 -2.95 -3.65 -17.03
C PRO B 33 -2.43 -4.74 -17.97
N GLY B 34 -1.97 -4.34 -19.14
CA GLY B 34 -1.45 -5.28 -20.12
C GLY B 34 -1.11 -4.56 -21.40
N GLY B 35 -0.70 -5.30 -22.43
CA GLY B 35 -0.33 -4.66 -23.69
C GLY B 35 0.22 -5.64 -24.70
N GLY B 36 0.60 -5.11 -25.86
CA GLY B 36 1.19 -5.93 -26.90
C GLY B 36 2.62 -6.26 -26.55
N MET B 37 3.14 -7.33 -27.13
CA MET B 37 4.50 -7.75 -26.86
C MET B 37 5.50 -7.07 -27.77
N GLU B 38 6.68 -6.80 -27.24
CA GLU B 38 7.76 -6.20 -28.02
C GLU B 38 8.47 -7.29 -28.82
N PRO B 39 9.37 -6.88 -29.72
CA PRO B 39 10.11 -7.89 -30.49
C PRO B 39 10.92 -8.80 -29.56
N GLU B 40 10.94 -10.09 -29.88
CA GLU B 40 11.75 -11.07 -29.16
C GLU B 40 11.26 -11.33 -27.74
N GLU B 41 10.14 -10.73 -27.35
CA GLU B 41 9.71 -10.78 -25.94
C GLU B 41 8.90 -12.04 -25.64
N GLU B 42 9.15 -12.66 -24.48
CA GLU B 42 8.27 -13.74 -24.01
C GLU B 42 7.06 -13.16 -23.27
N PRO B 43 5.94 -13.90 -23.27
CA PRO B 43 4.70 -13.42 -22.68
C PRO B 43 4.89 -12.96 -21.24
N GLY B 44 5.58 -13.76 -20.44
CA GLY B 44 5.86 -13.41 -19.05
C GLY B 44 6.70 -12.15 -18.96
N GLY B 45 7.63 -11.99 -19.89
CA GLY B 45 8.43 -10.77 -19.93
C GLY B 45 7.56 -9.56 -20.20
N ALA B 46 6.65 -9.67 -21.16
CA ALA B 46 5.72 -8.59 -21.47
C ALA B 46 4.83 -8.25 -20.27
N ALA B 47 4.33 -9.27 -19.58
CA ALA B 47 3.51 -9.03 -18.38
C ALA B 47 4.26 -8.19 -17.35
N VAL B 48 5.47 -8.61 -17.02
CA VAL B 48 6.28 -7.89 -16.03
C VAL B 48 6.57 -6.45 -16.46
N ARG B 49 6.92 -6.25 -17.72
CA ARG B 49 7.23 -4.90 -18.21
C ARG B 49 5.98 -4.02 -18.20
N GLU B 50 4.86 -4.59 -18.63
CA GLU B 50 3.61 -3.83 -18.72
C GLU B 50 3.15 -3.31 -17.36
N VAL B 51 3.22 -4.14 -16.32
CA VAL B 51 2.77 -3.68 -15.01
C VAL B 51 3.75 -2.66 -14.43
N TYR B 52 5.01 -2.74 -14.83
CA TYR B 52 5.98 -1.74 -14.41
C TYR B 52 5.65 -0.40 -15.07
N GLU B 53 5.39 -0.43 -16.38
CA GLU B 53 5.14 0.78 -17.14
C GLU B 53 3.79 1.40 -16.83
N GLU B 54 2.76 0.55 -16.76
CA GLU B 54 1.39 1.05 -16.63
C GLU B 54 0.97 1.31 -15.18
N ALA B 55 1.54 0.55 -14.25
CA ALA B 55 1.07 0.59 -12.87
C ALA B 55 2.16 0.86 -11.83
N GLY B 56 3.42 0.99 -12.26
CA GLY B 56 4.52 1.19 -11.34
C GLY B 56 4.76 0.01 -10.40
N VAL B 57 4.46 -1.19 -10.88
CA VAL B 57 4.58 -2.39 -10.08
C VAL B 57 5.89 -3.14 -10.31
N LYS B 58 6.52 -3.59 -9.24
CA LYS B 58 7.55 -4.62 -9.28
C LYS B 58 7.04 -5.76 -8.43
N GLY B 59 7.34 -7.00 -8.80
CA GLY B 59 6.84 -8.12 -8.03
C GLY B 59 7.35 -9.45 -8.52
N LYS B 60 6.72 -10.51 -8.01
CA LYS B 60 7.12 -11.86 -8.34
C LYS B 60 6.11 -12.46 -9.29
N LEU B 61 6.53 -12.70 -10.53
CA LEU B 61 5.64 -13.28 -11.52
C LEU B 61 5.24 -14.69 -11.12
N GLY B 62 3.94 -14.97 -11.14
CA GLY B 62 3.45 -16.31 -10.84
C GLY B 62 2.98 -17.00 -12.10
N ARG B 63 1.95 -17.84 -11.95
CA ARG B 63 1.50 -18.69 -13.04
C ARG B 63 0.86 -17.96 -14.23
N LEU B 64 0.98 -18.56 -15.40
CA LEU B 64 0.15 -18.23 -16.54
C LEU B 64 -1.26 -18.73 -16.22
N LEU B 65 -2.16 -17.82 -15.94
CA LEU B 65 -3.52 -18.16 -15.55
C LEU B 65 -4.29 -18.77 -16.71
N GLY B 66 -4.05 -18.25 -17.90
CA GLY B 66 -4.74 -18.76 -19.08
C GLY B 66 -4.46 -17.94 -20.32
N VAL B 67 -4.91 -18.48 -21.45
CA VAL B 67 -4.80 -17.79 -22.72
C VAL B 67 -6.21 -17.48 -23.19
N PHE B 68 -6.54 -16.19 -23.21
CA PHE B 68 -7.90 -15.73 -23.46
C PHE B 68 -8.06 -15.17 -24.86
N GLU B 69 -9.17 -15.52 -25.51
CA GLU B 69 -9.44 -15.06 -26.86
C GLU B 69 -10.80 -14.39 -26.96
N HIS B 76 -6.32 -11.41 -32.04
CA HIS B 76 -5.22 -11.59 -31.10
C HIS B 76 -5.60 -12.52 -29.94
N ARG B 77 -4.59 -12.99 -29.20
CA ARG B 77 -4.83 -13.78 -28.01
C ARG B 77 -4.02 -13.17 -26.85
N THR B 78 -4.58 -13.24 -25.65
CA THR B 78 -3.98 -12.58 -24.50
C THR B 78 -3.53 -13.60 -23.44
N TYR B 79 -2.24 -13.53 -23.11
CA TYR B 79 -1.69 -14.39 -22.07
C TYR B 79 -1.85 -13.70 -20.73
N VAL B 80 -2.63 -14.30 -19.84
CA VAL B 80 -2.90 -13.67 -18.54
C VAL B 80 -2.12 -14.32 -17.42
N TYR B 81 -1.28 -13.52 -16.76
CA TYR B 81 -0.48 -13.97 -15.63
C TYR B 81 -0.96 -13.44 -14.29
N VAL B 82 -0.53 -14.11 -13.24
CA VAL B 82 -0.70 -13.60 -11.89
CA VAL B 82 -0.70 -13.55 -11.91
C VAL B 82 0.67 -13.11 -11.42
N LEU B 83 0.68 -12.09 -10.57
CA LEU B 83 1.93 -11.61 -10.02
C LEU B 83 1.69 -11.10 -8.61
N THR B 84 2.66 -11.30 -7.72
CA THR B 84 2.55 -10.81 -6.35
C THR B 84 3.35 -9.52 -6.25
N VAL B 85 2.66 -8.42 -6.01
CA VAL B 85 3.34 -7.13 -5.93
C VAL B 85 4.30 -7.11 -4.75
N THR B 86 5.54 -6.69 -4.97
CA THR B 86 6.48 -6.53 -3.87
C THR B 86 6.82 -5.06 -3.64
N GLU B 87 6.68 -4.24 -4.68
CA GLU B 87 6.94 -2.81 -4.54
C GLU B 87 6.11 -1.98 -5.51
N LEU B 88 5.62 -0.83 -5.03
CA LEU B 88 4.95 0.15 -5.88
C LEU B 88 5.81 1.40 -5.99
N LEU B 89 6.18 1.79 -7.20
CA LEU B 89 6.91 3.02 -7.41
C LEU B 89 5.98 4.22 -7.31
N GLU B 90 6.47 5.32 -6.76
CA GLU B 90 5.63 6.47 -6.46
C GLU B 90 5.14 7.20 -7.69
N ASP B 91 6.05 7.40 -8.65
CA ASP B 91 5.68 7.97 -9.94
C ASP B 91 6.23 6.97 -10.95
N TRP B 92 5.43 6.60 -11.92
CA TRP B 92 5.85 5.61 -12.89
C TRP B 92 5.57 6.15 -14.28
N GLU B 93 6.02 5.43 -15.30
CA GLU B 93 5.91 5.90 -16.67
C GLU B 93 4.53 6.48 -17.00
N ASP B 94 3.48 5.65 -16.92
CA ASP B 94 2.15 6.08 -17.34
C ASP B 94 1.52 7.13 -16.43
N SER B 95 1.92 7.17 -15.15
CA SER B 95 1.41 8.22 -14.29
CA SER B 95 1.39 8.22 -14.29
C SER B 95 1.92 9.56 -14.76
N VAL B 96 3.21 9.61 -15.08
CA VAL B 96 3.84 10.84 -15.54
C VAL B 96 3.40 11.25 -16.95
N SER B 97 3.35 10.29 -17.87
CA SER B 97 3.09 10.63 -19.27
C SER B 97 1.63 10.94 -19.55
N ILE B 98 0.72 10.12 -19.05
CA ILE B 98 -0.69 10.34 -19.36
C ILE B 98 -1.60 10.54 -18.14
N GLY B 99 -1.05 10.44 -16.95
CA GLY B 99 -1.84 10.60 -15.73
C GLY B 99 -2.67 9.37 -15.41
N ARG B 100 -2.20 8.21 -15.83
CA ARG B 100 -2.88 6.96 -15.49
C ARG B 100 -2.86 6.74 -13.98
N LYS B 101 -3.96 6.22 -13.45
CA LYS B 101 -4.05 5.95 -12.02
C LYS B 101 -4.08 4.45 -11.77
N ARG B 102 -3.84 4.08 -10.52
CA ARG B 102 -3.94 2.69 -10.09
C ARG B 102 -4.74 2.66 -8.79
N GLU B 103 -5.37 1.53 -8.51
CA GLU B 103 -6.17 1.42 -7.29
C GLU B 103 -6.37 -0.05 -6.92
N TRP B 104 -6.31 -0.34 -5.62
CA TRP B 104 -6.53 -1.68 -5.12
C TRP B 104 -8.02 -1.96 -5.06
N PHE B 105 -8.42 -3.16 -5.50
CA PHE B 105 -9.82 -3.59 -5.45
C PHE B 105 -9.89 -5.00 -4.86
N LYS B 106 -10.82 -5.25 -3.95
CA LYS B 106 -11.17 -6.63 -3.64
C LYS B 106 -11.59 -7.30 -4.95
N VAL B 107 -11.29 -8.59 -5.08
CA VAL B 107 -11.54 -9.28 -6.32
C VAL B 107 -12.98 -9.12 -6.80
N GLU B 108 -13.94 -9.30 -5.90
CA GLU B 108 -15.34 -9.16 -6.30
C GLU B 108 -15.67 -7.74 -6.75
N ASP B 109 -15.11 -6.74 -6.09
CA ASP B 109 -15.32 -5.37 -6.54
C ASP B 109 -14.65 -5.15 -7.90
N ALA B 110 -13.48 -5.75 -8.10
CA ALA B 110 -12.81 -5.64 -9.38
C ALA B 110 -13.68 -6.19 -10.52
N ILE B 111 -14.23 -7.39 -10.30
CA ILE B 111 -15.09 -7.99 -11.32
C ILE B 111 -16.23 -7.03 -11.67
N LYS B 112 -16.80 -6.40 -10.64
CA LYS B 112 -17.91 -5.48 -10.86
C LYS B 112 -17.56 -4.26 -11.73
N VAL B 113 -16.41 -3.62 -11.48
CA VAL B 113 -16.05 -2.45 -12.29
C VAL B 113 -15.58 -2.83 -13.68
N LEU B 114 -15.12 -4.07 -13.83
CA LEU B 114 -14.60 -4.52 -15.11
C LEU B 114 -15.71 -5.01 -16.05
N GLN B 115 -16.75 -5.64 -15.49
CA GLN B 115 -17.67 -6.41 -16.32
C GLN B 115 -18.37 -5.63 -17.44
N CYS B 116 -18.67 -4.36 -17.20
CA CYS B 116 -19.41 -3.58 -18.20
C CYS B 116 -18.62 -3.37 -19.50
N HIS B 117 -17.46 -2.75 -19.40
CA HIS B 117 -16.70 -2.41 -20.60
C HIS B 117 -15.55 -3.37 -20.89
N LYS B 118 -15.17 -4.17 -19.90
CA LYS B 118 -14.09 -5.15 -20.07
C LYS B 118 -14.48 -6.53 -19.58
N PRO B 119 -15.58 -7.09 -20.14
CA PRO B 119 -16.06 -8.40 -19.70
C PRO B 119 -14.99 -9.48 -19.75
N VAL B 120 -14.07 -9.38 -20.70
CA VAL B 120 -12.99 -10.35 -20.76
C VAL B 120 -12.06 -10.20 -19.57
N HIS B 121 -11.74 -8.96 -19.21
CA HIS B 121 -10.93 -8.70 -18.03
C HIS B 121 -11.60 -9.32 -16.80
N ALA B 122 -12.93 -9.13 -16.67
CA ALA B 122 -13.67 -9.75 -15.59
C ALA B 122 -13.52 -11.27 -15.62
N GLU B 123 -13.47 -11.84 -16.82
CA GLU B 123 -13.26 -13.28 -16.98
C GLU B 123 -11.92 -13.72 -16.42
N TYR B 124 -10.88 -12.90 -16.58
CA TYR B 124 -9.59 -13.23 -15.98
C TYR B 124 -9.80 -13.55 -14.50
N LEU B 125 -10.52 -12.67 -13.81
CA LEU B 125 -10.72 -12.80 -12.38
C LEU B 125 -11.67 -13.94 -12.04
N GLU B 126 -12.63 -14.17 -12.92
CA GLU B 126 -13.53 -15.30 -12.78
C GLU B 126 -12.75 -16.62 -12.85
N LYS B 127 -11.89 -16.76 -13.85
CA LYS B 127 -11.09 -17.98 -13.95
C LYS B 127 -10.19 -18.13 -12.74
N LEU B 128 -9.79 -17.01 -12.17
CA LEU B 128 -8.94 -17.03 -10.98
C LEU B 128 -9.67 -17.71 -9.84
N LYS B 129 -10.92 -17.33 -9.65
CA LYS B 129 -11.73 -17.87 -8.56
C LYS B 129 -12.02 -19.36 -8.79
CAC FLC C . 8.55 2.27 4.16
CA FLC C . 7.50 3.28 4.55
CB FLC C . 7.27 4.43 3.63
CBC FLC C . 8.57 5.06 3.27
CG FLC C . 6.43 5.50 4.27
CGC FLC C . 5.05 5.71 3.72
OA1 FLC C . 8.47 1.09 4.58
OA2 FLC C . 9.49 2.60 3.40
OB1 FLC C . 9.44 5.27 4.16
OB2 FLC C . 8.83 5.29 2.06
OG1 FLC C . 4.65 6.86 3.41
OG2 FLC C . 4.34 4.72 3.43
OHB FLC C . 6.62 3.95 2.51
CAC FLC D . -9.86 0.79 -22.79
CA FLC D . -8.42 0.61 -22.45
CB FLC D . -7.42 0.96 -23.49
CBC FLC D . -7.72 0.20 -24.75
CG FLC D . -6.03 0.59 -23.08
CGC FLC D . -5.36 1.45 -22.06
OA1 FLC D . -10.56 1.67 -22.21
OA2 FLC D . -10.38 0.10 -23.71
OB1 FLC D . -7.96 -1.03 -24.68
OB2 FLC D . -7.75 0.81 -25.85
OG1 FLC D . -5.95 2.47 -21.63
OG2 FLC D . -4.16 1.24 -21.76
OHB FLC D . -7.49 2.31 -23.72
C1 GOL E . 6.15 -18.10 -18.85
O1 GOL E . 4.83 -18.64 -18.85
C2 GOL E . 6.71 -18.26 -20.25
O2 GOL E . 7.13 -19.60 -20.39
C3 GOL E . 7.88 -17.31 -20.46
O3 GOL E . 7.46 -15.97 -20.31
#